data_5XOB
#
_entry.id   5XOB
#
_cell.length_a   68.926
_cell.length_b   68.926
_cell.length_c   211.102
_cell.angle_alpha   90.00
_cell.angle_beta   90.00
_cell.angle_gamma   90.00
#
_symmetry.space_group_name_H-M   'P 41 21 2'
#
loop_
_entity.id
_entity.type
_entity.pdbx_description
1 polymer 'tRNA(Ile2) 2-agmatinylcytidine synthetase TiaS'
2 non-polymer 'ZINC ION'
3 non-polymer 'MAGNESIUM ION'
#
_entity_poly.entity_id   1
_entity_poly.type   'polypeptide(L)'
_entity_poly.pdbx_seq_one_letter_code
;MRVWVGIDDTDSSRGMC(TPO)TYLAVLAMERVERELGKVIGFPRLIRLNPTIPYKTRGNGAVSFLVEVDDVGELVDVVN
EVIIEHAMLDDEKTNPGAVFVDEELAVKLKPFADKAIKDVLQIDEALFVIGKYFIPHLRHKKGRGLIGALAAVGAELEDF
TLELIAYRYPERFGTEREYDEESFFDMDYELYPQTFDNVDWCNDVVVCIPNTPCPVLYGIRGESVEALYKAMESVKTEPV
DRRMIFVTNHATDMHLIGEEEVHRLENYRSYRLRGRVTLEPYDIEGGHVFFEIDTKFGSVKCAAFEPTKQFRNVIRLLRK
GDVVEVYGSMKKDTINLEKIQIVELAEIWVEKNPICPSCGRRMESAGRGQGFRCKKCRTKADEKLREKVERELQPGFYEV
PPSARRHLSKPLIRMNVEGRHIFR
;
_entity_poly.pdbx_strand_id   Z
#
loop_
_chem_comp.id
_chem_comp.type
_chem_comp.name
_chem_comp.formula
MG non-polymer 'MAGNESIUM ION' 'Mg 2'
ZN non-polymer 'ZINC ION' 'Zn 2'
#
# COMPACT_ATOMS: atom_id res chain seq x y z
N MET A 1 -33.71 12.80 -5.19
CA MET A 1 -33.28 11.50 -4.59
C MET A 1 -31.77 11.37 -4.53
N ARG A 2 -31.28 10.95 -3.37
CA ARG A 2 -29.85 10.75 -3.14
C ARG A 2 -29.42 9.38 -3.68
N VAL A 3 -28.51 9.40 -4.66
CA VAL A 3 -28.07 8.17 -5.31
C VAL A 3 -26.55 8.10 -5.40
N TRP A 4 -26.00 6.96 -4.98
CA TRP A 4 -24.58 6.68 -5.07
C TRP A 4 -24.22 6.15 -6.44
N VAL A 5 -23.23 6.79 -7.07
CA VAL A 5 -22.75 6.36 -8.38
C VAL A 5 -21.37 5.71 -8.27
N GLY A 6 -21.23 4.53 -8.88
CA GLY A 6 -19.98 3.77 -8.81
C GLY A 6 -19.44 3.55 -10.20
N ILE A 7 -18.13 3.59 -10.34
CA ILE A 7 -17.46 3.42 -11.65
C ILE A 7 -16.09 2.76 -11.49
N ASP A 8 -15.76 1.81 -12.37
CA ASP A 8 -14.39 1.26 -12.48
C ASP A 8 -14.07 0.79 -13.91
N ASP A 9 -12.79 0.52 -14.15
CA ASP A 9 -12.28 -0.18 -15.35
C ASP A 9 -12.36 0.69 -16.61
N THR A 10 -11.81 1.88 -16.44
CA THR A 10 -11.82 2.94 -17.43
C THR A 10 -10.39 3.21 -17.91
N ASP A 11 -9.44 2.52 -17.29
CA ASP A 11 -8.02 2.81 -17.47
C ASP A 11 -7.56 2.32 -18.82
N SER A 12 -6.86 3.18 -19.55
CA SER A 12 -6.13 2.79 -20.73
C SER A 12 -4.69 3.11 -20.39
N SER A 13 -3.77 2.18 -20.66
CA SER A 13 -2.35 2.46 -20.45
C SER A 13 -1.88 3.53 -21.46
N ARG A 14 -2.70 4.59 -21.58
CA ARG A 14 -2.53 5.64 -22.56
C ARG A 14 -3.75 6.60 -22.55
N GLY A 15 -3.76 7.56 -21.62
CA GLY A 15 -4.59 8.77 -21.77
C GLY A 15 -5.94 8.90 -21.07
N MET A 16 -6.30 7.93 -20.24
CA MET A 16 -7.54 8.01 -19.45
C MET A 16 -7.39 7.14 -18.21
N CYS A 17 -8.05 7.57 -17.13
CA CYS A 17 -8.12 6.79 -15.92
C CYS A 17 -9.43 6.97 -15.17
N TPO A 18 -9.93 5.85 -14.66
CA TPO A 18 -10.61 5.78 -13.39
CB TPO A 18 -9.44 5.19 -12.58
CG2 TPO A 18 -9.75 4.95 -11.10
OG1 TPO A 18 -8.97 3.99 -13.22
P TPO A 18 -9.85 2.64 -13.28
O1P TPO A 18 -9.53 2.00 -14.60
O2P TPO A 18 -11.28 3.13 -13.17
O3P TPO A 18 -9.36 1.81 -12.11
C TPO A 18 -11.13 7.06 -12.80
O TPO A 18 -12.34 7.32 -12.81
N THR A 19 -10.22 7.88 -12.26
CA THR A 19 -10.57 9.08 -11.50
C THR A 19 -10.95 10.20 -12.44
N TYR A 20 -10.15 10.40 -13.50
CA TYR A 20 -10.36 11.50 -14.43
C TYR A 20 -11.79 11.46 -14.96
N LEU A 21 -12.20 10.29 -15.41
CA LEU A 21 -13.50 10.11 -16.03
C LEU A 21 -14.63 10.34 -15.03
N ALA A 22 -14.38 9.99 -13.77
CA ALA A 22 -15.36 10.19 -12.70
C ALA A 22 -15.58 11.66 -12.39
N VAL A 23 -14.53 12.46 -12.61
CA VAL A 23 -14.59 13.90 -12.43
C VAL A 23 -15.39 14.53 -13.55
N LEU A 24 -15.16 14.05 -14.75
CA LEU A 24 -15.88 14.53 -15.89
C LEU A 24 -17.34 14.22 -15.64
N ALA A 25 -17.64 12.97 -15.26
CA ALA A 25 -19.02 12.57 -15.00
C ALA A 25 -19.62 13.48 -13.96
N MET A 26 -18.88 13.70 -12.88
CA MET A 26 -19.36 14.59 -11.82
C MET A 26 -19.71 15.97 -12.39
N GLU A 27 -18.82 16.55 -13.19
CA GLU A 27 -19.07 17.84 -13.82
C GLU A 27 -20.39 17.84 -14.58
N ARG A 28 -20.57 16.86 -15.47
CA ARG A 28 -21.80 16.78 -16.28
C ARG A 28 -23.06 16.66 -15.43
N VAL A 29 -23.03 15.79 -14.43
CA VAL A 29 -24.16 15.65 -13.52
C VAL A 29 -24.47 16.97 -12.83
N GLU A 30 -23.43 17.66 -12.40
CA GLU A 30 -23.60 18.90 -11.65
C GLU A 30 -24.34 19.92 -12.49
N ARG A 31 -24.15 19.86 -13.81
CA ARG A 31 -24.70 20.85 -14.71
C ARG A 31 -26.03 20.43 -15.34
N GLU A 32 -26.21 19.13 -15.59
CA GLU A 32 -27.49 18.65 -16.12
C GLU A 32 -28.48 18.30 -15.01
N LEU A 33 -28.07 17.48 -14.04
CA LEU A 33 -29.05 16.81 -13.17
C LEU A 33 -29.20 17.31 -11.74
N GLY A 34 -28.08 17.65 -11.09
CA GLY A 34 -28.16 18.01 -9.68
C GLY A 34 -26.84 18.36 -9.07
N LYS A 35 -26.71 18.12 -7.77
CA LYS A 35 -25.51 18.44 -7.02
C LYS A 35 -24.87 17.14 -6.54
N VAL A 36 -23.53 17.09 -6.60
CA VAL A 36 -22.75 16.03 -5.95
C VAL A 36 -22.63 16.36 -4.46
N ILE A 37 -22.98 15.41 -3.61
CA ILE A 37 -22.95 15.59 -2.16
C ILE A 37 -21.64 15.05 -1.55
N GLY A 38 -20.91 15.93 -0.87
CA GLY A 38 -19.67 15.57 -0.20
C GLY A 38 -18.53 15.41 -1.18
N PHE A 39 -17.49 14.69 -0.75
CA PHE A 39 -16.38 14.33 -1.63
C PHE A 39 -16.64 12.97 -2.29
N PRO A 40 -16.07 12.77 -3.49
CA PRO A 40 -16.11 11.44 -4.06
C PRO A 40 -15.13 10.56 -3.30
N ARG A 41 -15.23 9.26 -3.51
CA ARG A 41 -14.39 8.31 -2.80
C ARG A 41 -13.56 7.54 -3.82
N LEU A 42 -12.29 7.28 -3.46
CA LEU A 42 -11.39 6.47 -4.26
C LEU A 42 -11.04 5.21 -3.47
N ILE A 43 -11.55 4.08 -3.92
CA ILE A 43 -11.45 2.80 -3.20
C ILE A 43 -10.51 1.83 -3.91
N ARG A 44 -9.32 1.61 -3.36
CA ARG A 44 -8.40 0.59 -3.87
C ARG A 44 -8.82 -0.82 -3.45
N LEU A 45 -8.74 -1.76 -4.38
CA LEU A 45 -9.20 -3.12 -4.15
C LEU A 45 -7.99 -4.06 -4.00
N ASN A 46 -8.26 -5.35 -3.92
CA ASN A 46 -7.20 -6.34 -3.76
C ASN A 46 -6.04 -5.99 -4.68
N PRO A 47 -4.91 -5.58 -4.09
CA PRO A 47 -3.78 -5.12 -4.90
C PRO A 47 -2.97 -6.25 -5.56
N THR A 48 -3.40 -7.49 -5.38
CA THR A 48 -2.66 -8.64 -5.93
C THR A 48 -3.14 -9.06 -7.31
N ILE A 49 -4.37 -8.67 -7.69
CA ILE A 49 -4.98 -9.21 -8.91
C ILE A 49 -4.23 -8.71 -10.13
N PRO A 50 -3.92 -9.61 -11.08
CA PRO A 50 -3.10 -9.22 -12.23
C PRO A 50 -3.83 -8.32 -13.24
N ARG A 54 -0.20 -2.29 -11.76
CA ARG A 54 -0.22 -1.31 -10.68
C ARG A 54 -1.57 -0.57 -10.63
N GLY A 55 -1.79 0.15 -9.53
CA GLY A 55 -2.96 1.01 -9.36
C GLY A 55 -4.33 0.39 -9.60
N ASN A 56 -4.89 -0.25 -8.57
CA ASN A 56 -6.17 -0.99 -8.66
C ASN A 56 -7.35 -0.32 -7.91
N GLY A 57 -7.97 0.72 -8.50
CA GLY A 57 -8.92 1.56 -7.76
C GLY A 57 -10.19 2.03 -8.44
N ALA A 58 -11.33 1.79 -7.79
CA ALA A 58 -12.64 2.25 -8.25
C ALA A 58 -13.07 3.55 -7.54
N VAL A 59 -14.07 4.23 -8.10
CA VAL A 59 -14.54 5.52 -7.57
C VAL A 59 -16.07 5.53 -7.39
N SER A 60 -16.53 6.20 -6.33
CA SER A 60 -17.95 6.50 -6.17
C SER A 60 -18.20 7.95 -5.77
N PHE A 61 -19.44 8.40 -5.96
CA PHE A 61 -19.84 9.70 -5.45
C PHE A 61 -21.35 9.77 -5.25
N LEU A 62 -21.76 10.62 -4.31
CA LEU A 62 -23.16 10.79 -3.96
C LEU A 62 -23.77 11.97 -4.69
N VAL A 63 -24.92 11.75 -5.31
CA VAL A 63 -25.65 12.83 -5.98
C VAL A 63 -27.09 12.91 -5.53
N GLU A 64 -27.71 14.07 -5.75
CA GLU A 64 -29.13 14.27 -5.57
C GLU A 64 -29.68 14.67 -6.93
N VAL A 65 -30.66 13.90 -7.40
CA VAL A 65 -31.27 14.13 -8.71
C VAL A 65 -32.75 13.82 -8.59
N ASP A 66 -33.52 14.21 -9.60
CA ASP A 66 -34.95 13.94 -9.62
C ASP A 66 -35.25 12.55 -10.19
N ASP A 67 -34.58 12.20 -11.28
CA ASP A 67 -34.82 10.91 -11.91
C ASP A 67 -33.52 10.13 -12.15
N VAL A 68 -33.58 8.87 -11.72
CA VAL A 68 -32.45 7.95 -11.79
C VAL A 68 -32.11 7.57 -13.23
N GLY A 69 -33.13 7.31 -14.04
CA GLY A 69 -32.93 6.90 -15.44
C GLY A 69 -32.11 7.89 -16.25
N GLU A 70 -32.21 9.16 -15.88
CA GLU A 70 -31.48 10.25 -16.53
C GLU A 70 -30.02 10.21 -16.12
N LEU A 71 -29.80 9.97 -14.83
CA LEU A 71 -28.47 9.80 -14.25
C LEU A 71 -27.64 8.76 -15.01
N VAL A 72 -28.24 7.59 -15.22
CA VAL A 72 -27.62 6.50 -15.94
C VAL A 72 -27.16 7.00 -17.30
N ASP A 73 -28.10 7.60 -18.02
CA ASP A 73 -27.88 8.12 -19.36
C ASP A 73 -26.73 9.10 -19.38
N VAL A 74 -26.72 10.03 -18.42
CA VAL A 74 -25.67 11.04 -18.37
C VAL A 74 -24.31 10.36 -18.26
N VAL A 75 -24.18 9.51 -17.24
CA VAL A 75 -22.93 8.77 -17.01
C VAL A 75 -22.60 7.92 -18.22
N ASN A 76 -23.62 7.27 -18.77
CA ASN A 76 -23.43 6.42 -19.94
C ASN A 76 -22.74 7.14 -21.08
N GLU A 77 -23.18 8.35 -21.34
CA GLU A 77 -22.70 9.15 -22.45
C GLU A 77 -21.29 9.64 -22.20
N VAL A 78 -21.02 9.99 -20.94
CA VAL A 78 -19.68 10.36 -20.49
C VAL A 78 -18.69 9.23 -20.81
N ILE A 79 -19.14 8.01 -20.57
CA ILE A 79 -18.30 6.84 -20.79
C ILE A 79 -18.04 6.66 -22.27
N ILE A 80 -19.11 6.71 -23.06
CA ILE A 80 -18.98 6.47 -24.50
C ILE A 80 -18.00 7.48 -25.10
N GLU A 81 -18.13 8.72 -24.67
CA GLU A 81 -17.33 9.81 -25.23
C GLU A 81 -15.87 9.78 -24.79
N HIS A 82 -15.61 9.45 -23.53
CA HIS A 82 -14.28 9.65 -22.94
C HIS A 82 -13.47 8.37 -22.70
N ALA A 83 -14.14 7.29 -22.32
CA ALA A 83 -13.46 6.00 -22.11
C ALA A 83 -12.96 5.44 -23.44
N MET A 84 -11.79 4.82 -23.41
CA MET A 84 -11.26 4.14 -24.60
C MET A 84 -11.77 2.72 -24.61
N LEU A 85 -12.92 2.57 -25.26
CA LEU A 85 -13.65 1.32 -25.28
C LEU A 85 -12.93 0.28 -26.16
N ASP A 86 -12.18 0.76 -27.15
CA ASP A 86 -11.39 -0.12 -28.03
C ASP A 86 -10.32 -0.93 -27.28
N ASP A 87 -9.71 -0.32 -26.27
CA ASP A 87 -8.61 -0.94 -25.52
C ASP A 87 -9.07 -2.24 -24.83
N GLU A 88 -8.41 -3.36 -25.16
CA GLU A 88 -8.85 -4.69 -24.71
C GLU A 88 -8.98 -4.81 -23.19
N LYS A 89 -8.19 -4.03 -22.47
CA LYS A 89 -8.20 -4.03 -21.00
C LYS A 89 -8.93 -2.79 -20.47
N THR A 90 -10.18 -2.66 -20.89
CA THR A 90 -11.04 -1.55 -20.49
C THR A 90 -12.48 -2.03 -20.56
N ASN A 91 -13.04 -2.41 -19.43
CA ASN A 91 -14.39 -2.96 -19.40
C ASN A 91 -15.22 -2.19 -18.40
N PRO A 92 -15.55 -0.94 -18.75
CA PRO A 92 -16.24 0.00 -17.87
C PRO A 92 -17.50 -0.57 -17.22
N GLY A 93 -17.67 -0.25 -15.95
CA GLY A 93 -18.87 -0.63 -15.23
C GLY A 93 -19.31 0.56 -14.41
N ALA A 94 -20.61 0.66 -14.20
CA ALA A 94 -21.13 1.67 -13.30
C ALA A 94 -22.44 1.23 -12.71
N VAL A 95 -22.67 1.64 -11.48
CA VAL A 95 -23.89 1.31 -10.76
C VAL A 95 -24.49 2.54 -10.10
N PHE A 96 -25.78 2.44 -9.78
CA PHE A 96 -26.56 3.57 -9.31
C PHE A 96 -27.46 3.06 -8.19
N VAL A 97 -27.12 3.43 -6.95
CA VAL A 97 -27.64 2.76 -5.76
C VAL A 97 -28.25 3.77 -4.80
N ASP A 98 -29.44 3.46 -4.29
CA ASP A 98 -30.08 4.29 -3.26
C ASP A 98 -29.17 4.37 -2.03
N GLU A 99 -29.02 5.57 -1.48
CA GLU A 99 -28.23 5.76 -0.26
C GLU A 99 -28.51 4.66 0.75
N GLU A 100 -29.80 4.39 0.95
CA GLU A 100 -30.27 3.38 1.91
C GLU A 100 -29.79 1.97 1.57
N LEU A 101 -29.48 1.72 0.31
CA LEU A 101 -29.10 0.40 -0.18
C LEU A 101 -27.57 0.16 -0.19
N ALA A 102 -26.78 1.24 -0.08
CA ALA A 102 -25.31 1.14 -0.09
C ALA A 102 -24.79 0.29 1.06
N VAL A 103 -25.42 0.44 2.21
CA VAL A 103 -25.02 -0.28 3.41
C VAL A 103 -25.03 -1.79 3.20
N LYS A 104 -26.01 -2.30 2.45
CA LYS A 104 -26.09 -3.75 2.18
C LYS A 104 -24.89 -4.29 1.37
N LEU A 105 -24.08 -3.38 0.83
CA LEU A 105 -22.92 -3.75 0.00
C LEU A 105 -21.58 -3.74 0.72
N LYS A 106 -21.58 -3.45 2.02
CA LYS A 106 -20.34 -3.44 2.80
C LYS A 106 -19.59 -4.77 2.66
N PRO A 107 -20.30 -5.90 2.83
CA PRO A 107 -19.62 -7.21 2.70
C PRO A 107 -19.02 -7.42 1.32
N PHE A 108 -19.76 -7.06 0.27
CA PHE A 108 -19.26 -7.16 -1.08
C PHE A 108 -17.94 -6.40 -1.20
N ALA A 109 -17.98 -5.12 -0.84
CA ALA A 109 -16.79 -4.27 -0.92
C ALA A 109 -15.62 -4.91 -0.17
N ASP A 110 -15.87 -5.33 1.07
CA ASP A 110 -14.87 -6.02 1.88
C ASP A 110 -14.15 -7.12 1.13
N LYS A 111 -14.94 -7.99 0.52
CA LYS A 111 -14.44 -9.14 -0.22
C LYS A 111 -13.65 -8.72 -1.45
N ALA A 112 -14.09 -7.65 -2.11
CA ALA A 112 -13.37 -7.10 -3.24
C ALA A 112 -12.00 -6.57 -2.85
N ILE A 113 -11.92 -6.03 -1.64
CA ILE A 113 -10.69 -5.41 -1.15
C ILE A 113 -9.72 -6.46 -0.63
N LYS A 114 -10.26 -7.50 0.01
CA LYS A 114 -9.43 -8.51 0.67
C LYS A 114 -9.24 -9.81 -0.10
N ASP A 115 -10.12 -10.06 -1.06
CA ASP A 115 -10.24 -11.38 -1.63
C ASP A 115 -10.39 -11.31 -3.15
N VAL A 116 -10.83 -12.41 -3.73
CA VAL A 116 -11.09 -12.50 -5.15
C VAL A 116 -12.59 -12.64 -5.38
N LEU A 117 -13.08 -11.96 -6.41
CA LEU A 117 -14.49 -11.93 -6.75
C LEU A 117 -14.72 -12.33 -8.20
N GLN A 118 -15.88 -12.89 -8.47
CA GLN A 118 -16.27 -13.28 -9.82
C GLN A 118 -17.32 -12.29 -10.31
N ILE A 119 -17.39 -12.13 -11.63
CA ILE A 119 -18.37 -11.22 -12.24
C ILE A 119 -19.79 -11.68 -11.92
N ASP A 120 -19.97 -12.99 -11.91
CA ASP A 120 -21.27 -13.63 -11.64
C ASP A 120 -21.87 -13.16 -10.33
N GLU A 121 -21.00 -12.97 -9.33
CA GLU A 121 -21.40 -12.47 -8.04
C GLU A 121 -21.89 -11.03 -8.14
N ALA A 122 -21.10 -10.17 -8.78
CA ALA A 122 -21.54 -8.80 -9.04
C ALA A 122 -22.92 -8.79 -9.68
N LEU A 123 -23.08 -9.63 -10.71
CA LEU A 123 -24.33 -9.70 -11.42
C LEU A 123 -25.46 -10.20 -10.56
N PHE A 124 -25.17 -11.21 -9.74
CA PHE A 124 -26.20 -11.74 -8.86
C PHE A 124 -26.75 -10.66 -7.96
N VAL A 125 -25.84 -9.90 -7.37
CA VAL A 125 -26.20 -8.83 -6.45
C VAL A 125 -27.05 -7.77 -7.15
N ILE A 126 -26.66 -7.42 -8.36
CA ILE A 126 -27.38 -6.43 -9.14
C ILE A 126 -28.81 -6.90 -9.41
N GLY A 127 -28.95 -8.12 -9.90
CA GLY A 127 -30.27 -8.73 -10.13
C GLY A 127 -31.11 -8.75 -8.86
N LYS A 128 -30.45 -9.08 -7.75
CA LYS A 128 -31.11 -9.23 -6.46
C LYS A 128 -31.69 -7.92 -5.93
N TYR A 129 -31.01 -6.80 -6.20
CA TYR A 129 -31.51 -5.51 -5.75
C TYR A 129 -32.00 -4.61 -6.88
N PHE A 130 -32.16 -5.19 -8.08
CA PHE A 130 -32.66 -4.45 -9.23
C PHE A 130 -31.88 -3.14 -9.34
N ILE A 131 -30.56 -3.25 -9.20
CA ILE A 131 -29.68 -2.08 -9.28
C ILE A 131 -29.49 -1.76 -10.76
N PRO A 132 -29.73 -0.50 -11.12
CA PRO A 132 -29.45 -0.05 -12.47
C PRO A 132 -27.96 0.10 -12.66
N HIS A 133 -27.49 -0.19 -13.87
CA HIS A 133 -26.09 -0.36 -14.11
C HIS A 133 -25.75 -0.25 -15.59
N LEU A 134 -24.47 0.00 -15.87
CA LEU A 134 -23.95 0.01 -17.23
C LEU A 134 -22.79 -0.95 -17.30
N ARG A 135 -22.71 -1.73 -18.37
CA ARG A 135 -21.55 -2.60 -18.60
C ARG A 135 -21.23 -2.57 -20.09
N HIS A 136 -20.43 -1.60 -20.50
CA HIS A 136 -20.29 -1.31 -21.92
C HIS A 136 -19.64 -2.45 -22.71
N LYS A 137 -18.90 -3.30 -22.01
CA LYS A 137 -18.30 -4.47 -22.66
C LYS A 137 -18.48 -5.66 -21.73
N LYS A 138 -17.37 -6.22 -21.28
CA LYS A 138 -17.39 -7.13 -20.16
C LYS A 138 -17.84 -6.32 -18.94
N GLY A 139 -18.41 -7.01 -17.95
CA GLY A 139 -18.87 -6.36 -16.72
C GLY A 139 -17.89 -6.47 -15.57
N ARG A 140 -16.61 -6.69 -15.88
CA ARG A 140 -15.59 -6.84 -14.85
C ARG A 140 -15.54 -5.56 -14.00
N GLY A 141 -15.80 -4.44 -14.64
CA GLY A 141 -15.84 -3.15 -13.96
C GLY A 141 -16.97 -2.96 -12.96
N LEU A 142 -18.01 -3.79 -13.02
CA LEU A 142 -19.11 -3.70 -12.06
C LEU A 142 -18.70 -4.18 -10.66
N ILE A 143 -17.64 -4.98 -10.61
CA ILE A 143 -17.08 -5.43 -9.34
C ILE A 143 -16.57 -4.21 -8.57
N GLY A 144 -15.64 -3.49 -9.18
CA GLY A 144 -15.11 -2.25 -8.61
C GLY A 144 -16.16 -1.19 -8.33
N ALA A 145 -17.09 -1.00 -9.27
CA ALA A 145 -18.19 -0.04 -9.12
C ALA A 145 -19.01 -0.34 -7.87
N LEU A 146 -19.38 -1.60 -7.69
CA LEU A 146 -20.12 -2.03 -6.50
C LEU A 146 -19.30 -1.84 -5.22
N ALA A 147 -18.01 -2.16 -5.30
CA ALA A 147 -17.12 -2.02 -4.15
C ALA A 147 -16.90 -0.58 -3.73
N ALA A 148 -16.82 0.34 -4.69
CA ALA A 148 -16.66 1.75 -4.38
C ALA A 148 -17.88 2.27 -3.63
N VAL A 149 -19.04 1.69 -3.90
CA VAL A 149 -20.30 2.11 -3.27
C VAL A 149 -20.47 1.49 -1.88
N GLY A 150 -20.10 0.22 -1.73
CA GLY A 150 -20.32 -0.50 -0.47
C GLY A 150 -19.28 -0.29 0.62
N ALA A 151 -18.06 0.09 0.24
CA ALA A 151 -16.93 0.10 1.16
C ALA A 151 -17.21 0.97 2.38
N GLU A 152 -17.12 0.38 3.57
CA GLU A 152 -17.15 1.16 4.81
C GLU A 152 -15.73 1.58 5.18
N LEU A 153 -15.56 2.87 5.47
CA LEU A 153 -14.25 3.42 5.81
C LEU A 153 -14.20 3.86 7.28
N GLU A 154 -13.70 2.97 8.13
CA GLU A 154 -13.45 3.28 9.55
C GLU A 154 -12.33 4.30 9.62
N ASP A 155 -11.19 3.92 9.08
CA ASP A 155 -10.07 4.80 8.86
C ASP A 155 -10.13 5.20 7.39
N PHE A 156 -9.66 6.40 7.07
CA PHE A 156 -9.56 6.86 5.71
C PHE A 156 -8.46 7.90 5.63
N THR A 157 -7.97 8.16 4.43
CA THR A 157 -7.08 9.29 4.20
C THR A 157 -7.60 10.06 3.00
N LEU A 158 -7.05 11.24 2.78
CA LEU A 158 -7.46 12.08 1.67
C LEU A 158 -6.36 12.11 0.63
N GLU A 159 -6.75 12.21 -0.63
CA GLU A 159 -5.79 12.51 -1.69
C GLU A 159 -6.31 13.60 -2.62
N LEU A 160 -5.47 14.60 -2.82
CA LEU A 160 -5.77 15.64 -3.77
C LEU A 160 -5.10 15.24 -5.05
N ILE A 161 -5.92 15.08 -6.07
CA ILE A 161 -5.43 14.65 -7.35
C ILE A 161 -5.57 15.81 -8.32
N ALA A 162 -4.45 16.15 -8.94
CA ALA A 162 -4.36 17.21 -9.91
C ALA A 162 -4.17 16.61 -11.29
N TYR A 163 -4.97 17.08 -12.24
CA TYR A 163 -4.91 16.58 -13.59
C TYR A 163 -4.34 17.62 -14.54
N ARG A 164 -3.76 17.13 -15.63
CA ARG A 164 -3.17 17.96 -16.66
C ARG A 164 -4.22 18.44 -17.66
N TYR A 165 -3.77 19.38 -18.50
CA TYR A 165 -4.54 19.80 -19.66
C TYR A 165 -4.37 18.74 -20.75
N PRO A 166 -5.48 18.30 -21.37
CA PRO A 166 -5.46 17.27 -22.43
C PRO A 166 -4.33 17.46 -23.45
N GLU A 167 -4.23 18.69 -23.98
CA GLU A 167 -3.14 19.12 -24.87
C GLU A 167 -1.77 18.51 -24.57
N ARG A 168 -1.47 18.29 -23.30
CA ARG A 168 -0.17 17.76 -22.91
C ARG A 168 -0.20 16.34 -22.36
N PHE A 169 -1.28 15.58 -22.59
CA PHE A 169 -1.28 14.16 -22.22
C PHE A 169 -0.17 13.43 -22.99
N GLY A 170 0.53 12.53 -22.29
CA GLY A 170 1.53 11.67 -22.93
C GLY A 170 2.92 12.27 -23.00
N THR A 171 3.03 13.56 -22.70
CA THR A 171 4.31 14.26 -22.71
C THR A 171 4.96 14.19 -21.33
N GLU A 172 6.24 14.54 -21.24
CA GLU A 172 6.92 14.61 -19.94
C GLU A 172 6.35 15.77 -19.12
N ARG A 173 6.24 15.55 -17.82
CA ARG A 173 5.72 16.56 -16.91
C ARG A 173 6.77 17.62 -16.58
N GLU A 174 6.31 18.84 -16.29
CA GLU A 174 7.19 19.92 -15.83
C GLU A 174 6.81 20.35 -14.41
N TYR A 175 7.80 20.33 -13.52
CA TYR A 175 7.60 20.66 -12.12
C TYR A 175 8.92 20.94 -11.40
N ASP A 176 8.85 21.76 -10.36
CA ASP A 176 10.00 22.05 -9.51
C ASP A 176 10.09 20.99 -8.43
N GLU A 177 11.11 20.14 -8.52
CA GLU A 177 11.39 19.12 -7.51
C GLU A 177 11.45 19.67 -6.09
N GLU A 178 12.28 20.69 -5.89
CA GLU A 178 12.50 21.25 -4.56
C GLU A 178 11.16 21.66 -3.95
N SER A 179 10.31 22.25 -4.78
CA SER A 179 8.93 22.59 -4.42
C SER A 179 8.25 21.52 -3.54
N PHE A 180 8.44 20.26 -3.89
CA PHE A 180 7.75 19.14 -3.22
C PHE A 180 8.43 18.69 -1.93
N PHE A 181 9.76 18.62 -1.95
CA PHE A 181 10.55 18.38 -0.74
C PHE A 181 10.30 19.49 0.28
N ASP A 182 10.28 20.73 -0.18
CA ASP A 182 9.98 21.87 0.69
C ASP A 182 8.58 21.80 1.26
N MET A 183 7.63 21.38 0.43
CA MET A 183 6.25 21.22 0.86
C MET A 183 6.14 20.12 1.92
N ASP A 184 6.95 19.08 1.76
CA ASP A 184 6.95 17.97 2.70
C ASP A 184 7.51 18.37 4.07
N TYR A 185 8.59 19.16 4.06
CA TYR A 185 9.15 19.68 5.30
C TYR A 185 8.11 20.49 6.06
N GLU A 186 7.38 21.35 5.34
CA GLU A 186 6.39 22.22 5.97
C GLU A 186 5.22 21.47 6.61
N LEU A 187 4.64 20.52 5.87
CA LEU A 187 3.33 19.96 6.22
C LEU A 187 3.35 18.56 6.83
N TYR A 188 4.42 17.81 6.58
CA TYR A 188 4.52 16.45 7.11
C TYR A 188 4.24 16.44 8.60
N PRO A 189 3.42 15.48 9.06
CA PRO A 189 2.78 14.36 8.39
C PRO A 189 1.30 14.61 8.01
N GLN A 190 0.89 15.87 7.96
CA GLN A 190 -0.46 16.20 7.52
C GLN A 190 -0.59 15.91 6.03
N THR A 191 0.54 15.99 5.33
CA THR A 191 0.74 15.30 4.07
C THR A 191 1.76 14.23 4.36
N PHE A 192 1.72 13.12 3.64
CA PHE A 192 2.69 12.04 3.85
C PHE A 192 2.94 11.24 2.58
N ASP A 193 4.06 10.54 2.56
CA ASP A 193 4.43 9.67 1.44
C ASP A 193 4.35 10.36 0.09
N ASN A 194 4.77 11.61 0.04
CA ASN A 194 4.82 12.33 -1.21
C ASN A 194 6.25 12.50 -1.69
N VAL A 195 7.20 12.06 -0.88
CA VAL A 195 8.63 12.25 -1.14
C VAL A 195 9.41 11.15 -0.41
N ASP A 196 10.53 10.72 -0.99
CA ASP A 196 11.46 9.81 -0.30
C ASP A 196 12.77 10.54 -0.13
N TRP A 197 13.06 10.93 1.10
CA TRP A 197 14.27 11.69 1.40
C TRP A 197 15.51 10.84 1.19
N CYS A 198 15.43 9.60 1.67
CA CYS A 198 16.55 8.68 1.55
C CYS A 198 16.92 8.40 0.08
N ASN A 199 15.93 8.25 -0.78
CA ASN A 199 16.18 7.84 -2.17
C ASN A 199 16.05 8.96 -3.20
N ASP A 200 15.77 10.17 -2.73
CA ASP A 200 15.68 11.37 -3.57
C ASP A 200 14.70 11.16 -4.72
N VAL A 201 13.46 10.86 -4.37
CA VAL A 201 12.41 10.63 -5.34
C VAL A 201 11.14 11.36 -4.91
N VAL A 202 10.50 12.04 -5.86
CA VAL A 202 9.15 12.54 -5.65
C VAL A 202 8.19 11.42 -6.02
N VAL A 203 7.49 10.94 -5.01
CA VAL A 203 6.65 9.76 -5.13
C VAL A 203 5.28 10.15 -5.68
N CYS A 204 4.80 11.35 -5.34
CA CYS A 204 3.44 11.74 -5.68
C CYS A 204 3.25 12.08 -7.17
N ILE A 205 4.29 11.91 -7.98
CA ILE A 205 4.26 12.26 -9.39
C ILE A 205 4.48 11.02 -10.22
N PRO A 206 3.41 10.57 -10.92
CA PRO A 206 3.50 9.30 -11.64
C PRO A 206 4.39 9.35 -12.88
N ASN A 207 4.74 8.17 -13.37
CA ASN A 207 5.68 7.97 -14.47
C ASN A 207 4.96 7.59 -15.76
N THR A 208 3.66 7.85 -15.83
CA THR A 208 2.79 7.22 -16.83
C THR A 208 2.12 8.19 -17.80
N PRO A 209 1.72 7.68 -18.99
CA PRO A 209 1.02 8.47 -20.00
C PRO A 209 -0.40 8.88 -19.63
N CYS A 210 -0.69 8.98 -18.33
CA CYS A 210 -2.05 9.21 -17.84
C CYS A 210 -2.34 10.71 -17.64
N PRO A 211 -3.60 11.07 -17.33
CA PRO A 211 -3.99 12.46 -17.04
C PRO A 211 -3.57 13.04 -15.69
N VAL A 212 -3.08 12.22 -14.76
CA VAL A 212 -2.70 12.74 -13.46
C VAL A 212 -1.35 13.44 -13.54
N LEU A 213 -1.32 14.67 -13.04
CA LEU A 213 -0.08 15.43 -12.88
C LEU A 213 0.60 14.96 -11.61
N TYR A 214 -0.12 15.09 -10.50
CA TYR A 214 0.33 14.62 -9.20
C TYR A 214 -0.88 14.31 -8.32
N GLY A 215 -0.64 13.48 -7.30
CA GLY A 215 -1.64 13.20 -6.26
C GLY A 215 -1.01 13.29 -4.90
N ILE A 216 -1.57 14.14 -4.03
CA ILE A 216 -0.99 14.37 -2.72
C ILE A 216 -1.84 13.72 -1.62
N ARG A 217 -1.22 12.80 -0.87
CA ARG A 217 -1.87 12.12 0.24
C ARG A 217 -1.80 12.95 1.51
N GLY A 218 -2.87 12.95 2.31
CA GLY A 218 -2.85 13.68 3.56
C GLY A 218 -4.04 13.49 4.47
N GLU A 219 -4.03 14.22 5.58
CA GLU A 219 -4.99 14.02 6.66
C GLU A 219 -6.13 15.04 6.69
N SER A 220 -5.94 16.20 6.07
CA SER A 220 -6.96 17.24 6.11
C SER A 220 -7.08 17.93 4.79
N VAL A 221 -8.24 18.54 4.58
CA VAL A 221 -8.48 19.32 3.38
C VAL A 221 -7.55 20.54 3.43
N GLU A 222 -7.44 21.14 4.62
CA GLU A 222 -6.56 22.30 4.87
C GLU A 222 -5.14 22.05 4.39
N ALA A 223 -4.55 20.96 4.88
CA ALA A 223 -3.17 20.60 4.54
C ALA A 223 -3.01 20.36 3.04
N LEU A 224 -4.01 19.69 2.47
CA LEU A 224 -3.95 19.31 1.06
C LEU A 224 -3.90 20.54 0.16
N TYR A 225 -4.82 21.48 0.37
CA TYR A 225 -4.83 22.71 -0.41
C TYR A 225 -3.57 23.56 -0.16
N LYS A 226 -3.07 23.54 1.08
CA LYS A 226 -1.77 24.14 1.39
C LYS A 226 -0.65 23.52 0.56
N ALA A 227 -0.63 22.19 0.50
CA ALA A 227 0.32 21.48 -0.34
C ALA A 227 0.23 21.99 -1.78
N MET A 228 -0.99 22.15 -2.26
CA MET A 228 -1.26 22.57 -3.64
C MET A 228 -0.66 23.93 -3.99
N GLU A 229 -0.77 24.90 -3.08
CA GLU A 229 -0.34 26.27 -3.31
C GLU A 229 1.19 26.44 -3.25
N SER A 230 1.86 25.52 -2.57
CA SER A 230 3.30 25.60 -2.37
C SER A 230 4.06 24.89 -3.47
N VAL A 231 3.36 24.08 -4.23
CA VAL A 231 3.97 23.20 -5.20
C VAL A 231 4.08 23.88 -6.57
N LYS A 232 5.19 23.68 -7.27
CA LYS A 232 5.43 24.33 -8.56
C LYS A 232 5.39 23.31 -9.68
N THR A 233 4.38 23.43 -10.53
CA THR A 233 4.19 22.51 -11.64
C THR A 233 3.75 23.25 -12.89
N GLU A 234 3.79 22.54 -14.01
CA GLU A 234 3.02 22.92 -15.16
C GLU A 234 1.57 23.11 -14.71
N PRO A 235 0.80 23.92 -15.45
CA PRO A 235 -0.56 24.24 -15.04
C PRO A 235 -1.49 23.04 -14.75
N VAL A 236 -2.31 23.23 -13.72
CA VAL A 236 -3.30 22.25 -13.30
C VAL A 236 -4.64 22.60 -13.91
N ASP A 237 -5.21 21.62 -14.62
CA ASP A 237 -6.50 21.78 -15.26
C ASP A 237 -7.56 21.46 -14.21
N ARG A 238 -7.95 20.19 -14.12
CA ARG A 238 -8.93 19.74 -13.14
C ARG A 238 -8.21 19.40 -11.82
N ARG A 239 -8.96 19.43 -10.71
CA ARG A 239 -8.43 19.11 -9.39
C ARG A 239 -9.56 18.48 -8.55
N MET A 240 -9.23 17.48 -7.74
CA MET A 240 -10.24 16.82 -6.93
C MET A 240 -9.64 16.18 -5.70
N ILE A 241 -10.38 16.27 -4.61
CA ILE A 241 -10.05 15.62 -3.36
C ILE A 241 -10.99 14.43 -3.18
N PHE A 242 -10.40 13.26 -2.95
CA PHE A 242 -11.12 12.02 -2.67
C PHE A 242 -10.83 11.55 -1.25
N VAL A 243 -11.85 11.09 -0.57
CA VAL A 243 -11.64 10.29 0.63
C VAL A 243 -11.29 8.88 0.15
N THR A 244 -10.23 8.31 0.72
CA THR A 244 -9.63 7.10 0.19
C THR A 244 -9.43 6.08 1.29
N ASN A 245 -9.27 4.82 0.91
CA ASN A 245 -8.80 3.80 1.84
C ASN A 245 -7.28 3.57 1.73
N HIS A 246 -6.59 4.51 1.11
CA HIS A 246 -5.13 4.50 1.12
C HIS A 246 -4.58 4.57 2.51
N ALA A 247 -3.47 3.87 2.72
CA ALA A 247 -2.72 3.97 3.97
C ALA A 247 -3.50 3.50 5.20
N THR A 248 -4.33 2.48 5.03
CA THR A 248 -5.16 1.95 6.12
C THR A 248 -4.93 0.48 6.46
N ASP A 249 -4.11 -0.22 5.67
CA ASP A 249 -3.93 -1.68 5.79
C ASP A 249 -5.27 -2.41 5.71
N MET A 250 -6.23 -1.85 4.98
CA MET A 250 -7.57 -2.42 4.94
C MET A 250 -7.58 -3.79 4.24
N HIS A 251 -6.52 -4.07 3.48
CA HIS A 251 -6.39 -5.30 2.72
C HIS A 251 -5.86 -6.48 3.53
N LEU A 252 -5.44 -6.21 4.76
CA LEU A 252 -4.74 -7.21 5.55
C LEU A 252 -5.69 -8.14 6.29
N ILE A 253 -5.50 -9.43 6.03
CA ILE A 253 -6.16 -10.50 6.74
C ILE A 253 -5.22 -10.97 7.85
N GLY A 254 -5.68 -10.91 9.10
CA GLY A 254 -4.88 -11.38 10.23
C GLY A 254 -4.86 -12.90 10.28
N GLU A 255 -3.79 -13.45 10.86
CA GLU A 255 -3.62 -14.91 10.96
C GLU A 255 -4.78 -15.62 11.65
N GLU A 256 -5.26 -15.04 12.75
CA GLU A 256 -6.42 -15.59 13.48
C GLU A 256 -7.65 -15.83 12.61
N GLU A 257 -7.77 -15.07 11.53
CA GLU A 257 -8.96 -15.12 10.69
C GLU A 257 -9.04 -16.33 9.79
N VAL A 258 -7.99 -17.14 9.71
CA VAL A 258 -7.88 -18.04 8.58
C VAL A 258 -7.24 -19.40 8.91
N HIS A 259 -7.63 -20.42 8.15
CA HIS A 259 -7.14 -21.80 8.30
C HIS A 259 -5.82 -22.02 7.57
N ARG A 260 -5.82 -21.71 6.28
CA ARG A 260 -4.65 -21.84 5.41
C ARG A 260 -4.32 -20.47 4.85
N LEU A 261 -3.14 -20.33 4.27
CA LEU A 261 -2.77 -19.12 3.53
C LEU A 261 -2.94 -19.37 2.06
N GLU A 262 -3.34 -18.34 1.33
CA GLU A 262 -3.47 -18.41 -0.13
C GLU A 262 -2.69 -17.29 -0.80
N ASN A 263 -2.31 -17.53 -2.05
CA ASN A 263 -1.82 -16.47 -2.90
C ASN A 263 -2.97 -15.55 -3.26
N TYR A 264 -2.62 -14.37 -3.75
CA TYR A 264 -3.58 -13.33 -4.07
C TYR A 264 -4.38 -12.79 -2.86
N ARG A 265 -3.80 -12.95 -1.67
CA ARG A 265 -4.32 -12.33 -0.44
C ARG A 265 -3.14 -11.78 0.36
N SER A 266 -3.43 -10.85 1.29
CA SER A 266 -2.39 -10.18 2.09
C SER A 266 -2.64 -10.40 3.57
N TYR A 267 -1.55 -10.51 4.33
CA TYR A 267 -1.64 -10.97 5.72
C TYR A 267 -0.79 -10.19 6.72
N ARG A 268 -1.26 -10.15 7.97
CA ARG A 268 -0.40 -9.87 9.12
C ARG A 268 -0.31 -11.20 9.86
N LEU A 269 0.91 -11.69 10.07
CA LEU A 269 1.08 -12.92 10.83
C LEU A 269 2.41 -12.98 11.56
N ARG A 270 2.39 -13.56 12.75
CA ARG A 270 3.57 -13.68 13.58
C ARG A 270 4.19 -15.03 13.35
N GLY A 271 5.50 -15.08 13.51
CA GLY A 271 6.26 -16.32 13.39
C GLY A 271 7.60 -16.12 14.04
N ARG A 272 8.42 -17.16 14.03
CA ARG A 272 9.80 -17.04 14.48
C ARG A 272 10.72 -17.62 13.43
N VAL A 273 11.79 -16.89 13.16
CA VAL A 273 12.71 -17.20 12.07
C VAL A 273 13.21 -18.63 12.15
N THR A 274 13.12 -19.35 11.04
CA THR A 274 13.77 -20.64 10.89
C THR A 274 14.94 -20.47 9.94
N LEU A 275 14.67 -20.46 8.64
CA LEU A 275 15.73 -20.30 7.66
C LEU A 275 16.19 -18.85 7.63
N GLU A 276 17.44 -18.61 8.05
CA GLU A 276 17.99 -17.26 8.13
C GLU A 276 18.10 -16.56 6.77
N PRO A 277 18.16 -15.22 6.77
CA PRO A 277 18.05 -14.50 5.50
C PRO A 277 19.21 -14.79 4.56
N TYR A 278 18.93 -14.71 3.26
CA TYR A 278 19.95 -14.91 2.24
C TYR A 278 19.63 -14.14 0.97
N ASP A 279 20.62 -13.44 0.43
CA ASP A 279 20.44 -12.65 -0.79
C ASP A 279 20.20 -13.59 -1.97
N ILE A 280 19.85 -13.03 -3.12
CA ILE A 280 19.61 -13.87 -4.29
C ILE A 280 19.76 -13.13 -5.63
N GLU A 281 20.00 -13.94 -6.66
CA GLU A 281 20.04 -13.57 -8.08
C GLU A 281 19.81 -12.08 -8.46
N GLY A 282 18.76 -11.43 -7.97
CA GLY A 282 18.40 -10.06 -8.42
C GLY A 282 18.53 -8.87 -7.45
N GLY A 283 19.06 -9.10 -6.25
CA GLY A 283 19.11 -8.06 -5.20
C GLY A 283 18.05 -8.24 -4.12
N HIS A 284 17.64 -9.49 -3.90
CA HIS A 284 16.51 -9.85 -3.05
C HIS A 284 16.98 -10.69 -1.86
N VAL A 285 16.28 -10.58 -0.75
CA VAL A 285 16.72 -11.14 0.53
C VAL A 285 15.61 -12.01 1.11
N PHE A 286 15.77 -13.33 1.09
CA PHE A 286 14.72 -14.24 1.57
C PHE A 286 15.01 -14.80 2.95
N PHE A 287 13.96 -15.28 3.60
CA PHE A 287 14.10 -16.01 4.84
C PHE A 287 12.80 -16.74 5.10
N GLU A 288 12.72 -17.43 6.25
CA GLU A 288 11.58 -18.24 6.60
C GLU A 288 11.30 -18.16 8.07
N ILE A 289 10.05 -18.45 8.41
CA ILE A 289 9.56 -18.36 9.76
C ILE A 289 8.62 -19.55 9.98
N ASP A 290 8.54 -20.04 11.22
CA ASP A 290 7.57 -21.08 11.53
C ASP A 290 6.32 -20.45 12.12
N THR A 291 5.18 -20.81 11.56
CA THR A 291 3.89 -20.26 11.96
C THR A 291 2.83 -21.32 12.16
N LYS A 292 1.77 -20.91 12.84
CA LYS A 292 0.51 -21.65 12.94
C LYS A 292 0.20 -22.49 11.69
N PHE A 293 0.48 -21.92 10.51
CA PHE A 293 0.23 -22.58 9.23
C PHE A 293 1.46 -23.33 8.71
N GLY A 294 2.47 -23.49 9.57
CA GLY A 294 3.69 -24.17 9.19
C GLY A 294 4.77 -23.21 8.74
N SER A 295 5.56 -23.65 7.75
CA SER A 295 6.71 -22.88 7.27
C SER A 295 6.29 -21.91 6.16
N VAL A 296 6.70 -20.65 6.32
CA VAL A 296 6.31 -19.58 5.39
C VAL A 296 7.51 -18.73 4.94
N LYS A 297 7.57 -18.49 3.63
CA LYS A 297 8.67 -17.76 3.02
C LYS A 297 8.34 -16.29 3.06
N CYS A 298 9.27 -15.47 3.54
CA CYS A 298 9.14 -14.03 3.49
C CYS A 298 10.24 -13.44 2.64
N ALA A 299 9.95 -12.28 2.06
CA ALA A 299 10.84 -11.67 1.07
C ALA A 299 10.87 -10.14 1.16
N ALA A 300 12.09 -9.60 1.07
CA ALA A 300 12.33 -8.17 0.89
C ALA A 300 13.03 -7.96 -0.46
N PHE A 301 12.26 -7.60 -1.48
CA PHE A 301 12.78 -7.49 -2.85
C PHE A 301 13.67 -6.26 -2.99
N GLU A 302 14.33 -6.15 -4.13
CA GLU A 302 15.36 -5.13 -4.36
C GLU A 302 14.78 -3.71 -4.25
N PRO A 303 13.59 -3.48 -4.82
CA PRO A 303 13.02 -2.12 -4.80
C PRO A 303 12.69 -1.55 -3.42
N THR A 304 12.90 -2.32 -2.35
CA THR A 304 12.71 -1.86 -0.98
C THR A 304 14.00 -1.26 -0.41
N LYS A 305 15.09 -1.39 -1.17
CA LYS A 305 16.32 -0.66 -0.93
C LYS A 305 16.88 -0.89 0.47
N GLN A 306 16.98 0.17 1.28
CA GLN A 306 17.63 0.12 2.58
C GLN A 306 16.89 -0.79 3.55
N PHE A 307 15.60 -1.00 3.30
CA PHE A 307 14.79 -1.90 4.13
C PHE A 307 15.37 -3.31 4.19
N ARG A 308 16.12 -3.71 3.16
CA ARG A 308 16.80 -5.00 3.14
C ARG A 308 17.85 -5.11 4.23
N ASN A 309 18.47 -3.98 4.56
CA ASN A 309 19.49 -3.94 5.60
C ASN A 309 19.00 -4.49 6.93
N VAL A 310 17.83 -4.03 7.37
CA VAL A 310 17.29 -4.48 8.67
C VAL A 310 16.85 -5.94 8.59
N ILE A 311 16.36 -6.36 7.43
CA ILE A 311 15.99 -7.76 7.24
C ILE A 311 17.23 -8.65 7.26
N ARG A 312 18.29 -8.23 6.57
CA ARG A 312 19.52 -9.02 6.50
C ARG A 312 20.08 -9.43 7.88
N LEU A 313 19.77 -8.64 8.91
CA LEU A 313 20.24 -8.93 10.26
C LEU A 313 19.65 -10.19 10.88
N LEU A 314 18.37 -10.13 11.26
CA LEU A 314 17.72 -11.15 12.11
C LEU A 314 18.23 -12.60 12.01
N ARG A 315 18.12 -13.32 13.13
CA ARG A 315 18.70 -14.65 13.27
C ARG A 315 17.67 -15.64 13.83
N LYS A 316 17.96 -16.93 13.65
CA LYS A 316 17.06 -18.03 14.04
C LYS A 316 16.32 -17.77 15.35
N GLY A 317 15.03 -18.11 15.37
CA GLY A 317 14.22 -18.07 16.58
C GLY A 317 13.70 -16.70 16.98
N ASP A 318 14.10 -15.66 16.26
CA ASP A 318 13.61 -14.30 16.54
C ASP A 318 12.11 -14.24 16.34
N VAL A 319 11.39 -13.69 17.31
CA VAL A 319 9.94 -13.54 17.17
C VAL A 319 9.66 -12.28 16.36
N VAL A 320 8.85 -12.45 15.32
CA VAL A 320 8.61 -11.40 14.34
C VAL A 320 7.18 -11.47 13.81
N GLU A 321 6.65 -10.31 13.45
CA GLU A 321 5.33 -10.21 12.86
C GLU A 321 5.46 -9.56 11.51
N VAL A 322 4.92 -10.21 10.48
CA VAL A 322 5.11 -9.78 9.09
C VAL A 322 3.84 -9.30 8.41
N TYR A 323 4.02 -8.33 7.51
CA TYR A 323 2.93 -7.69 6.79
C TYR A 323 3.18 -7.73 5.29
N GLY A 324 2.29 -8.35 4.54
CA GLY A 324 2.40 -8.31 3.09
C GLY A 324 1.53 -9.26 2.32
N SER A 325 1.63 -9.15 1.00
CA SER A 325 0.88 -9.98 0.07
C SER A 325 1.61 -11.29 -0.17
N MET A 326 0.84 -12.32 -0.47
CA MET A 326 1.39 -13.61 -0.87
C MET A 326 1.25 -13.81 -2.38
N LYS A 327 2.38 -13.83 -3.07
CA LYS A 327 2.45 -14.21 -4.49
C LYS A 327 3.52 -15.28 -4.62
N LYS A 328 3.20 -16.36 -5.35
CA LYS A 328 4.12 -17.48 -5.53
C LYS A 328 4.55 -18.06 -4.17
N ASP A 329 3.60 -18.12 -3.25
CA ASP A 329 3.77 -18.76 -1.94
C ASP A 329 4.77 -18.08 -0.98
N THR A 330 5.20 -16.87 -1.31
CA THR A 330 6.09 -16.08 -0.43
C THR A 330 5.53 -14.67 -0.17
N ILE A 331 5.73 -14.18 1.07
CA ILE A 331 5.17 -12.90 1.50
C ILE A 331 6.05 -11.73 1.09
N ASN A 332 5.50 -10.82 0.27
CA ASN A 332 6.18 -9.55 -0.04
C ASN A 332 6.05 -8.59 1.12
N LEU A 333 7.10 -8.47 1.89
CA LEU A 333 7.10 -7.59 3.06
C LEU A 333 6.89 -6.12 2.71
N GLU A 334 5.89 -5.53 3.35
CA GLU A 334 5.62 -4.09 3.29
C GLU A 334 6.13 -3.42 4.57
N LYS A 335 6.10 -4.19 5.66
CA LYS A 335 6.31 -3.68 7.00
C LYS A 335 6.74 -4.90 7.81
N ILE A 336 7.41 -4.69 8.94
CA ILE A 336 7.71 -5.80 9.86
C ILE A 336 7.90 -5.32 11.31
N GLN A 337 7.40 -6.10 12.27
CA GLN A 337 7.71 -5.85 13.67
C GLN A 337 8.66 -6.90 14.22
N ILE A 338 9.74 -6.43 14.85
CA ILE A 338 10.58 -7.28 15.67
C ILE A 338 9.98 -7.29 17.05
N VAL A 339 9.42 -8.42 17.44
CA VAL A 339 8.73 -8.53 18.71
C VAL A 339 9.76 -8.86 19.77
N GLU A 340 10.11 -10.14 19.87
CA GLU A 340 11.09 -10.62 20.81
C GLU A 340 12.38 -10.90 20.05
N LEU A 341 13.46 -10.33 20.54
CA LEU A 341 14.77 -10.68 20.07
C LEU A 341 15.22 -12.02 20.67
N ALA A 342 15.69 -12.91 19.79
CA ALA A 342 16.27 -14.17 20.22
C ALA A 342 17.49 -13.92 21.11
N GLU A 343 17.52 -14.57 22.27
CA GLU A 343 18.69 -14.53 23.14
C GLU A 343 19.73 -15.57 22.66
N ILE A 344 20.95 -15.10 22.39
CA ILE A 344 22.01 -15.97 21.90
C ILE A 344 23.12 -16.05 22.93
N TRP A 345 23.37 -17.27 23.42
CA TRP A 345 24.47 -17.52 24.31
C TRP A 345 25.62 -18.12 23.54
N VAL A 346 26.84 -17.81 23.98
CA VAL A 346 28.05 -18.23 23.29
C VAL A 346 29.13 -18.57 24.33
N GLU A 347 29.77 -19.72 24.17
CA GLU A 347 30.94 -20.08 24.98
C GLU A 347 32.18 -19.90 24.11
N LYS A 348 33.09 -19.03 24.52
CA LYS A 348 34.26 -18.72 23.71
C LYS A 348 35.53 -18.54 24.55
N ASN A 349 36.67 -18.48 23.87
CA ASN A 349 37.93 -18.35 24.57
C ASN A 349 38.04 -17.03 25.29
N PRO A 350 38.73 -17.03 26.45
CA PRO A 350 38.91 -15.83 27.24
C PRO A 350 39.77 -14.79 26.52
N ILE A 351 39.45 -13.52 26.75
CA ILE A 351 40.23 -12.42 26.23
C ILE A 351 41.39 -12.14 27.17
N CYS A 352 42.60 -12.03 26.64
CA CYS A 352 43.77 -11.72 27.46
C CYS A 352 43.63 -10.34 28.12
N PRO A 353 43.88 -10.25 29.44
CA PRO A 353 43.64 -9.01 30.17
C PRO A 353 44.65 -7.91 29.87
N SER A 354 45.86 -8.30 29.48
CA SER A 354 46.91 -7.34 29.14
C SER A 354 46.71 -6.79 27.74
N CYS A 355 46.98 -7.61 26.73
CA CYS A 355 46.99 -7.15 25.34
C CYS A 355 45.59 -7.09 24.73
N GLY A 356 44.62 -7.79 25.32
CA GLY A 356 43.25 -7.73 24.85
C GLY A 356 42.92 -8.66 23.68
N ARG A 357 43.89 -9.42 23.18
CA ARG A 357 43.59 -10.37 22.11
C ARG A 357 43.00 -11.65 22.69
N ARG A 358 42.52 -12.52 21.82
CA ARG A 358 41.92 -13.79 22.23
C ARG A 358 43.01 -14.77 22.66
N MET A 359 42.80 -15.44 23.80
CA MET A 359 43.73 -16.45 24.28
C MET A 359 43.61 -17.72 23.44
N GLU A 360 44.75 -18.28 23.06
CA GLU A 360 44.79 -19.54 22.33
C GLU A 360 44.74 -20.70 23.33
N SER A 361 44.13 -21.82 22.92
CA SER A 361 44.09 -23.03 23.75
C SER A 361 45.51 -23.46 24.13
N ALA A 362 45.64 -24.25 25.19
CA ALA A 362 46.94 -24.76 25.62
C ALA A 362 47.02 -26.30 25.68
N GLY A 363 45.99 -26.99 25.15
CA GLY A 363 45.92 -28.46 25.19
C GLY A 363 44.55 -28.93 25.65
N ARG A 364 44.30 -30.24 25.52
CA ARG A 364 42.97 -30.83 25.79
C ARG A 364 42.35 -30.37 27.11
N GLY A 365 43.13 -30.48 28.19
CA GLY A 365 42.67 -30.03 29.52
C GLY A 365 43.43 -28.83 30.04
N GLN A 366 44.41 -28.37 29.27
CA GLN A 366 45.39 -27.38 29.75
C GLN A 366 44.91 -25.93 29.78
N GLY A 367 43.60 -25.69 29.63
CA GLY A 367 43.07 -24.33 29.71
C GLY A 367 43.59 -23.44 28.59
N PHE A 368 43.81 -22.16 28.90
CA PHE A 368 44.18 -21.17 27.87
C PHE A 368 45.37 -20.30 28.29
N ARG A 369 45.97 -19.67 27.30
CA ARG A 369 47.22 -18.92 27.47
C ARG A 369 47.26 -17.76 26.50
N CYS A 370 48.11 -16.79 26.81
CA CYS A 370 48.52 -15.79 25.84
C CYS A 370 50.03 -15.73 25.94
N LYS A 371 50.70 -16.29 24.93
CA LYS A 371 52.16 -16.49 24.97
C LYS A 371 52.98 -15.20 24.87
N LYS A 372 52.41 -14.14 24.28
CA LYS A 372 53.13 -12.89 24.04
C LYS A 372 53.17 -12.01 25.30
N CYS A 373 52.09 -12.07 26.08
CA CYS A 373 52.15 -11.71 27.48
C CYS A 373 52.53 -12.99 28.19
N ARG A 374 52.47 -13.04 29.51
CA ARG A 374 52.76 -14.32 30.20
C ARG A 374 51.50 -14.79 30.95
N THR A 375 50.36 -14.68 30.29
CA THR A 375 49.07 -14.77 30.98
C THR A 375 48.30 -16.09 30.74
N LYS A 376 47.34 -16.33 31.62
CA LYS A 376 46.70 -17.63 31.77
C LYS A 376 45.22 -17.48 32.17
N ALA A 377 44.42 -18.49 31.85
CA ALA A 377 43.04 -18.57 32.34
C ALA A 377 42.51 -19.98 32.08
N ASP A 378 41.56 -20.43 32.91
CA ASP A 378 41.15 -21.84 32.91
C ASP A 378 39.82 -22.18 32.23
N GLU A 379 38.90 -21.22 32.17
CA GLU A 379 37.55 -21.48 31.65
C GLU A 379 37.14 -20.52 30.53
N LYS A 380 36.22 -20.98 29.69
CA LYS A 380 35.80 -20.24 28.51
C LYS A 380 34.93 -19.05 28.89
N LEU A 381 35.21 -17.91 28.27
CA LEU A 381 34.39 -16.70 28.40
C LEU A 381 32.95 -16.98 27.91
N ARG A 382 31.96 -16.48 28.64
CA ARG A 382 30.56 -16.72 28.27
C ARG A 382 29.77 -15.41 28.23
N GLU A 383 29.51 -14.95 27.01
CA GLU A 383 28.77 -13.71 26.78
C GLU A 383 27.44 -13.94 26.05
N LYS A 384 26.44 -13.15 26.44
CA LYS A 384 25.24 -12.99 25.64
C LYS A 384 25.64 -12.16 24.42
N VAL A 385 25.28 -12.64 23.24
CA VAL A 385 25.57 -11.94 22.00
C VAL A 385 24.74 -10.67 21.94
N GLU A 386 25.39 -9.53 21.68
CA GLU A 386 24.65 -8.27 21.50
C GLU A 386 24.55 -7.88 20.02
N ARG A 387 23.31 -7.84 19.51
CA ARG A 387 23.03 -7.60 18.10
C ARG A 387 22.71 -6.13 17.82
N GLU A 388 22.83 -5.75 16.55
CA GLU A 388 22.62 -4.36 16.11
C GLU A 388 21.13 -3.99 15.98
N LEU A 389 20.30 -5.01 15.79
CA LEU A 389 18.89 -4.84 15.47
C LEU A 389 18.07 -4.58 16.73
N GLN A 390 17.49 -3.38 16.85
CA GLN A 390 16.58 -3.09 17.96
C GLN A 390 15.21 -3.71 17.70
N PRO A 391 14.46 -4.01 18.77
CA PRO A 391 13.07 -4.39 18.60
C PRO A 391 12.26 -3.22 18.07
N GLY A 392 11.06 -3.52 17.58
CA GLY A 392 10.18 -2.48 17.10
C GLY A 392 9.71 -2.73 15.69
N PHE A 393 9.29 -1.65 15.05
CA PHE A 393 8.63 -1.70 13.77
C PHE A 393 9.53 -1.10 12.70
N TYR A 394 9.50 -1.71 11.52
CA TYR A 394 10.21 -1.18 10.36
C TYR A 394 9.37 -1.30 9.10
N GLU A 395 9.53 -0.34 8.18
CA GLU A 395 8.75 -0.32 6.96
C GLU A 395 9.63 -0.03 5.76
N VAL A 396 9.10 -0.36 4.59
CA VAL A 396 9.71 -0.07 3.32
C VAL A 396 9.72 1.45 3.08
N PRO A 397 10.75 1.99 2.39
CA PRO A 397 10.76 3.45 2.12
C PRO A 397 9.59 3.95 1.26
N PRO A 398 9.23 5.24 1.37
CA PRO A 398 8.05 5.76 0.67
C PRO A 398 8.01 5.45 -0.83
N SER A 399 9.18 5.46 -1.47
CA SER A 399 9.27 5.18 -2.91
C SER A 399 8.85 3.75 -3.25
N ALA A 400 8.64 2.93 -2.22
CA ALA A 400 8.15 1.57 -2.42
C ALA A 400 6.88 1.26 -1.61
N ARG A 401 6.31 2.26 -0.94
CA ARG A 401 5.05 2.08 -0.24
C ARG A 401 4.00 1.66 -1.25
N ARG A 402 3.19 0.66 -0.90
CA ARG A 402 2.06 0.28 -1.74
C ARG A 402 0.84 1.06 -1.29
N HIS A 403 -0.06 1.38 -2.21
CA HIS A 403 -1.23 2.24 -1.95
C HIS A 403 -1.91 2.01 -0.59
N LEU A 404 -2.26 0.76 -0.30
CA LEU A 404 -3.02 0.38 0.90
C LEU A 404 -2.18 0.24 2.18
N SER A 405 -0.86 0.16 2.03
CA SER A 405 0.03 0.01 3.18
C SER A 405 -0.08 1.20 4.15
N LYS A 406 -0.54 0.90 5.37
CA LYS A 406 -0.51 1.85 6.48
C LYS A 406 0.93 2.15 6.88
N PRO A 407 1.34 3.44 6.77
CA PRO A 407 2.70 3.81 7.11
C PRO A 407 2.88 3.96 8.62
N LEU A 408 4.09 3.78 9.09
CA LEU A 408 4.38 3.84 10.50
C LEU A 408 3.87 5.13 11.10
N ILE A 409 4.14 6.24 10.42
CA ILE A 409 3.76 7.53 10.95
C ILE A 409 2.27 7.60 11.35
N ARG A 410 1.42 6.83 10.68
CA ARG A 410 -0.02 6.85 10.99
C ARG A 410 -0.46 5.81 12.04
N MET A 411 0.50 5.14 12.67
CA MET A 411 0.20 4.12 13.67
C MET A 411 0.57 4.64 15.06
N ASN A 412 -0.24 4.26 16.05
CA ASN A 412 -0.13 4.81 17.40
C ASN A 412 0.63 3.85 18.30
N VAL A 413 1.83 3.46 17.86
CA VAL A 413 2.57 2.39 18.52
C VAL A 413 3.96 2.83 18.93
N GLU A 414 4.52 2.10 19.89
CA GLU A 414 5.85 2.36 20.40
C GLU A 414 6.90 1.58 19.59
N GLY A 415 8.06 2.19 19.41
CA GLY A 415 9.22 1.52 18.84
C GLY A 415 9.29 1.59 17.33
N ARG A 416 8.66 2.61 16.76
CA ARG A 416 8.64 2.79 15.31
C ARG A 416 9.98 3.34 14.81
N HIS A 417 10.46 2.79 13.69
CA HIS A 417 11.75 3.18 13.10
C HIS A 417 11.59 3.75 11.68
N ILE A 418 11.48 5.07 11.65
CA ILE A 418 11.14 5.84 10.45
C ILE A 418 12.38 6.60 10.04
N PHE A 419 12.70 6.60 8.76
CA PHE A 419 14.00 7.12 8.30
C PHE A 419 13.93 8.22 7.26
N ARG A 420 13.72 9.44 7.75
CA ARG A 420 13.71 10.64 6.93
C ARG A 420 15.10 11.31 6.92
ZN ZN B . 48.04 -10.78 25.71
MG MG C . -9.33 -0.16 -11.37
#